data_6HMU
#
_entry.id   6HMU
#
_cell.length_a   81.856
_cell.length_b   112.402
_cell.length_c   62.582
_cell.angle_alpha   90.000
_cell.angle_beta   90.000
_cell.angle_gamma   90.000
#
_symmetry.space_group_name_H-M   'C 2 2 21'
#
loop_
_entity.id
_entity.type
_entity.pdbx_description
1 polymer '14-3-3 protein sigma'
2 polymer 'Estrogen receptor'
3 non-polymer 'MAGNESIUM ION'
4 non-polymer 2-(4-chloranylphenoxy)-2-methyl-~{N}-(3-sulfanylpropyl)propanamide
5 water water
#
loop_
_entity_poly.entity_id
_entity_poly.type
_entity_poly.pdbx_seq_one_letter_code
_entity_poly.pdbx_strand_id
1 'polypeptide(L)'
;GAMGSMERASLIQKAKLAEQAERYEDMAAFMKGAVEKGEELSNEERNLLCVAYKNVVGGQRAAWRVLSSIEQKSNEEGSE
EKGPEVREYREKVETELQGVCDTVLGLLDSHLIKEAGDAESRVFYLKMKGDYYRYLAEVATGDDKKRIIDSARSAYQEAM
DISKKEMPPTNPIRLGLALNFSVFHYEIANSPEEAISLAKTTFDEAMADLHTLSEDSYKDSTLIMQLLRDNLTLWT
;
A
2 'polypeptide(L)' AEGFPA(TPO)V B
#
loop_
_chem_comp.id
_chem_comp.type
_chem_comp.name
_chem_comp.formula
GE8 non-polymer 2-(4-chloranylphenoxy)-2-methyl-~{N}-(3-sulfanylpropyl)propanamide 'C13 H18 Cl N O2 S'
MG non-polymer 'MAGNESIUM ION' 'Mg 2'
#
# COMPACT_ATOMS: atom_id res chain seq x y z
N GLY A 1 -3.10 -23.35 9.01
CA GLY A 1 -3.98 -22.39 8.37
C GLY A 1 -5.17 -23.04 7.70
N ALA A 2 -6.31 -22.34 7.69
CA ALA A 2 -7.55 -22.90 7.16
C ALA A 2 -7.48 -23.18 5.66
N MET A 3 -6.54 -22.57 4.93
CA MET A 3 -6.37 -22.86 3.51
C MET A 3 -5.33 -23.94 3.24
N GLY A 4 -4.76 -24.53 4.29
CA GLY A 4 -3.68 -25.50 4.11
C GLY A 4 -4.07 -26.71 3.29
N SER A 5 -5.35 -27.09 3.29
CA SER A 5 -5.80 -28.27 2.56
C SER A 5 -6.22 -27.98 1.13
N MET A 6 -6.25 -26.71 0.71
CA MET A 6 -6.70 -26.38 -0.63
C MET A 6 -5.50 -26.22 -1.57
N GLU A 7 -5.64 -26.75 -2.78
CA GLU A 7 -4.59 -26.63 -3.79
C GLU A 7 -4.24 -25.18 -4.07
N ARG A 8 -2.95 -24.93 -4.31
CA ARG A 8 -2.51 -23.59 -4.68
C ARG A 8 -3.31 -23.04 -5.87
N ALA A 9 -3.48 -23.86 -6.91
CA ALA A 9 -4.17 -23.36 -8.10
C ALA A 9 -5.63 -23.05 -7.79
N SER A 10 -6.25 -23.85 -6.91
CA SER A 10 -7.63 -23.61 -6.52
C SER A 10 -7.77 -22.32 -5.71
N LEU A 11 -6.78 -22.03 -4.86
CA LEU A 11 -6.79 -20.78 -4.12
C LEU A 11 -6.71 -19.58 -5.06
N ILE A 12 -5.84 -19.67 -6.06
CA ILE A 12 -5.72 -18.59 -7.04
C ILE A 12 -7.01 -18.44 -7.83
N GLN A 13 -7.60 -19.57 -8.27
CA GLN A 13 -8.86 -19.51 -8.99
C GLN A 13 -9.95 -18.86 -8.15
N LYS A 14 -10.03 -19.24 -6.88
CA LYS A 14 -11.06 -18.65 -6.02
C LYS A 14 -10.77 -17.19 -5.69
N ALA A 15 -9.51 -16.80 -5.60
CA ALA A 15 -9.19 -15.38 -5.42
C ALA A 15 -9.76 -14.56 -6.58
N LYS A 16 -9.66 -15.08 -7.81
CA LYS A 16 -10.19 -14.37 -8.96
C LYS A 16 -11.71 -14.31 -8.92
N LEU A 17 -12.36 -15.40 -8.49
CA LEU A 17 -13.81 -15.39 -8.33
C LEU A 17 -14.23 -14.40 -7.26
N ALA A 18 -13.50 -14.38 -6.13
CA ALA A 18 -13.81 -13.45 -5.06
C ALA A 18 -13.68 -12.01 -5.55
N GLU A 19 -12.67 -11.72 -6.36
CA GLU A 19 -12.55 -10.38 -6.93
C GLU A 19 -13.77 -10.02 -7.77
N GLN A 20 -14.21 -10.94 -8.64
CA GLN A 20 -15.38 -10.69 -9.46
C GLN A 20 -16.63 -10.45 -8.61
N ALA A 21 -16.73 -11.13 -7.47
CA ALA A 21 -17.85 -10.98 -6.56
C ALA A 21 -17.68 -9.85 -5.57
N GLU A 22 -16.58 -9.10 -5.65
CA GLU A 22 -16.27 -8.00 -4.73
C GLU A 22 -16.22 -8.47 -3.27
N ARG A 23 -15.70 -9.67 -3.07
CA ARG A 23 -15.53 -10.28 -1.74
C ARG A 23 -14.05 -10.22 -1.39
N TYR A 24 -13.61 -9.03 -0.99
CA TYR A 24 -12.17 -8.80 -0.90
C TYR A 24 -11.56 -9.46 0.33
N GLU A 25 -12.32 -9.61 1.42
CA GLU A 25 -11.81 -10.36 2.56
CA GLU A 25 -11.81 -10.36 2.56
C GLU A 25 -11.54 -11.81 2.16
N ASP A 26 -12.48 -12.43 1.45
CA ASP A 26 -12.24 -13.79 0.96
C ASP A 26 -11.04 -13.80 0.03
N MET A 27 -10.98 -12.83 -0.88
CA MET A 27 -9.86 -12.77 -1.83
C MET A 27 -8.53 -12.75 -1.10
N ALA A 28 -8.44 -11.93 -0.05
CA ALA A 28 -7.20 -11.83 0.71
C ALA A 28 -6.88 -13.13 1.43
N ALA A 29 -7.89 -13.78 2.01
CA ALA A 29 -7.67 -15.05 2.68
C ALA A 29 -7.18 -16.11 1.71
N PHE A 30 -7.75 -16.15 0.50
CA PHE A 30 -7.29 -17.10 -0.50
C PHE A 30 -5.84 -16.82 -0.91
N MET A 31 -5.50 -15.54 -1.11
CA MET A 31 -4.15 -15.20 -1.52
C MET A 31 -3.14 -15.43 -0.40
N LYS A 32 -3.52 -15.18 0.85
CA LYS A 32 -2.66 -15.55 1.96
C LYS A 32 -2.38 -17.04 1.96
N GLY A 33 -3.42 -17.85 1.75
CA GLY A 33 -3.21 -19.29 1.63
C GLY A 33 -2.28 -19.65 0.49
N ALA A 34 -2.42 -18.96 -0.65
CA ALA A 34 -1.53 -19.22 -1.77
C ALA A 34 -0.09 -18.88 -1.44
N VAL A 35 0.15 -17.72 -0.81
CA VAL A 35 1.50 -17.34 -0.42
C VAL A 35 2.09 -18.40 0.50
N GLU A 36 1.28 -18.88 1.45
CA GLU A 36 1.77 -19.82 2.44
C GLU A 36 2.10 -21.19 1.87
N LYS A 37 1.77 -21.46 0.61
CA LYS A 37 2.26 -22.67 -0.03
C LYS A 37 3.79 -22.65 -0.18
N GLY A 38 4.41 -21.48 -0.11
CA GLY A 38 5.85 -21.38 -0.09
C GLY A 38 6.51 -21.13 -1.44
N GLU A 39 5.76 -21.22 -2.53
CA GLU A 39 6.32 -20.93 -3.84
C GLU A 39 6.29 -19.43 -4.09
N GLU A 40 7.22 -18.96 -4.93
CA GLU A 40 7.19 -17.57 -5.38
C GLU A 40 5.90 -17.30 -6.15
N LEU A 41 5.54 -16.03 -6.23
CA LEU A 41 4.33 -15.60 -6.92
C LEU A 41 4.70 -15.04 -8.29
N SER A 42 3.89 -15.34 -9.28
CA SER A 42 4.00 -14.73 -10.59
C SER A 42 3.52 -13.28 -10.55
N ASN A 43 3.73 -12.56 -11.65
CA ASN A 43 3.27 -11.18 -11.74
C ASN A 43 1.77 -11.09 -11.48
N GLU A 44 0.99 -11.95 -12.12
CA GLU A 44 -0.46 -11.90 -11.94
C GLU A 44 -0.84 -12.21 -10.50
N GLU A 45 -0.16 -13.17 -9.88
CA GLU A 45 -0.47 -13.54 -8.51
C GLU A 45 -0.11 -12.42 -7.53
N ARG A 46 1.02 -11.74 -7.77
CA ARG A 46 1.37 -10.58 -6.96
C ARG A 46 0.29 -9.51 -7.07
N ASN A 47 -0.26 -9.32 -8.27
CA ASN A 47 -1.33 -8.34 -8.45
CA ASN A 47 -1.32 -8.33 -8.43
C ASN A 47 -2.57 -8.72 -7.64
N LEU A 48 -2.92 -10.01 -7.66
CA LEU A 48 -4.08 -10.44 -6.89
C LEU A 48 -3.88 -10.21 -5.40
N LEU A 49 -2.69 -10.54 -4.88
CA LEU A 49 -2.39 -10.29 -3.48
C LEU A 49 -2.53 -8.82 -3.14
N CYS A 50 -1.96 -7.96 -4.01
CA CYS A 50 -2.01 -6.53 -3.79
C CYS A 50 -3.44 -6.01 -3.78
N VAL A 51 -4.22 -6.38 -4.80
CA VAL A 51 -5.59 -5.90 -4.92
C VAL A 51 -6.42 -6.31 -3.72
N ALA A 52 -6.27 -7.56 -3.28
CA ALA A 52 -7.08 -8.06 -2.18
C ALA A 52 -6.84 -7.25 -0.92
N TYR A 53 -5.59 -7.13 -0.50
CA TYR A 53 -5.30 -6.43 0.75
C TYR A 53 -5.51 -4.93 0.63
N LYS A 54 -5.26 -4.35 -0.55
CA LYS A 54 -5.52 -2.92 -0.74
C LYS A 54 -6.98 -2.60 -0.49
N ASN A 55 -7.89 -3.45 -0.98
CA ASN A 55 -9.30 -3.21 -0.77
C ASN A 55 -9.69 -3.43 0.68
N VAL A 56 -9.16 -4.48 1.33
CA VAL A 56 -9.51 -4.72 2.72
C VAL A 56 -9.04 -3.57 3.59
N VAL A 57 -7.76 -3.22 3.50
CA VAL A 57 -7.23 -2.19 4.37
C VAL A 57 -7.78 -0.83 3.99
N GLY A 58 -8.10 -0.62 2.71
CA GLY A 58 -8.69 0.64 2.30
C GLY A 58 -10.04 0.89 2.97
N GLY A 59 -10.85 -0.16 3.08
CA GLY A 59 -12.12 -0.02 3.78
C GLY A 59 -11.92 0.24 5.27
N GLN A 60 -10.94 -0.44 5.87
CA GLN A 60 -10.65 -0.21 7.29
C GLN A 60 -10.17 1.21 7.53
N ARG A 61 -9.29 1.71 6.65
CA ARG A 61 -8.79 3.08 6.79
C ARG A 61 -9.92 4.08 6.66
N ALA A 62 -10.82 3.87 5.69
CA ALA A 62 -11.92 4.81 5.54
C ALA A 62 -12.80 4.83 6.78
N ALA A 63 -13.05 3.66 7.36
CA ALA A 63 -13.87 3.58 8.57
C ALA A 63 -13.15 4.22 9.75
N TRP A 64 -11.85 3.96 9.88
CA TRP A 64 -11.06 4.55 10.94
C TRP A 64 -11.11 6.07 10.88
N ARG A 65 -11.03 6.63 9.67
CA ARG A 65 -11.06 8.08 9.53
C ARG A 65 -12.42 8.65 9.95
N VAL A 66 -13.50 7.97 9.60
CA VAL A 66 -14.83 8.42 10.01
C VAL A 66 -14.91 8.46 11.54
N LEU A 67 -14.47 7.37 12.18
CA LEU A 67 -14.57 7.28 13.64
C LEU A 67 -13.63 8.24 14.33
N SER A 68 -12.41 8.40 13.78
CA SER A 68 -11.46 9.35 14.35
C SER A 68 -12.01 10.78 14.29
N SER A 69 -12.67 11.14 13.19
CA SER A 69 -13.26 12.48 13.08
C SER A 69 -14.36 12.67 14.13
N ILE A 70 -15.20 11.66 14.33
CA ILE A 70 -16.24 11.74 15.36
C ILE A 70 -15.60 11.89 16.73
N GLU A 71 -14.55 11.12 17.00
CA GLU A 71 -13.86 11.19 18.27
C GLU A 71 -13.23 12.56 18.47
N GLN A 72 -12.63 13.11 17.42
CA GLN A 72 -12.04 14.45 17.51
C GLN A 72 -13.09 15.47 17.90
N LYS A 73 -14.26 15.42 17.28
CA LYS A 73 -15.30 16.40 17.57
C LYS A 73 -15.84 16.23 18.98
N SER A 74 -15.93 15.00 19.47
CA SER A 74 -16.42 14.75 20.82
C SER A 74 -15.49 15.34 21.87
N ASN A 75 -14.23 15.61 21.53
CA ASN A 75 -13.27 16.16 22.47
C ASN A 75 -13.11 17.67 22.35
N GLU A 76 -13.88 18.32 21.49
CA GLU A 76 -13.83 19.77 21.36
C GLU A 76 -14.65 20.44 22.45
N GLU A 77 -14.43 21.74 22.63
CA GLU A 77 -15.07 22.48 23.71
C GLU A 77 -16.57 22.57 23.49
N GLY A 78 -17.33 22.37 24.56
CA GLY A 78 -18.77 22.44 24.51
C GLY A 78 -19.46 21.17 24.06
N SER A 79 -18.70 20.11 23.76
CA SER A 79 -19.30 18.84 23.35
C SER A 79 -19.78 18.09 24.58
N GLU A 80 -20.91 17.40 24.44
CA GLU A 80 -21.41 16.60 25.54
C GLU A 80 -20.59 15.33 25.70
N GLU A 81 -20.39 14.93 26.96
CA GLU A 81 -19.75 13.66 27.23
C GLU A 81 -20.68 12.53 26.84
N LYS A 82 -20.23 11.67 25.93
CA LYS A 82 -21.03 10.54 25.47
C LYS A 82 -20.48 9.20 25.93
N GLY A 83 -19.46 9.19 26.78
CA GLY A 83 -18.91 7.95 27.30
C GLY A 83 -17.75 7.45 26.47
N PRO A 84 -17.29 6.24 26.80
CA PRO A 84 -16.11 5.67 26.14
C PRO A 84 -16.37 5.02 24.79
N GLU A 85 -17.61 5.02 24.30
CA GLU A 85 -17.97 4.14 23.18
C GLU A 85 -17.27 4.54 21.88
N VAL A 86 -17.15 5.84 21.59
CA VAL A 86 -16.50 6.24 20.34
C VAL A 86 -15.05 5.81 20.33
N ARG A 87 -14.33 6.08 21.43
CA ARG A 87 -12.95 5.65 21.52
C ARG A 87 -12.84 4.13 21.42
N GLU A 88 -13.71 3.40 22.12
CA GLU A 88 -13.65 1.95 22.08
C GLU A 88 -13.84 1.43 20.68
N TYR A 89 -14.81 1.96 19.95
CA TYR A 89 -15.09 1.43 18.63
C TYR A 89 -14.00 1.84 17.63
N ARG A 90 -13.50 3.08 17.73
CA ARG A 90 -12.34 3.45 16.93
C ARG A 90 -11.16 2.54 17.21
N GLU A 91 -10.94 2.19 18.49
CA GLU A 91 -9.85 1.27 18.84
CA GLU A 91 -9.85 1.27 18.84
C GLU A 91 -10.09 -0.12 18.27
N LYS A 92 -11.34 -0.57 18.24
CA LYS A 92 -11.64 -1.88 17.67
C LYS A 92 -11.28 -1.91 16.19
N VAL A 93 -11.73 -0.91 15.44
CA VAL A 93 -11.41 -0.86 14.02
C VAL A 93 -9.90 -0.72 13.81
N GLU A 94 -9.26 0.12 14.64
CA GLU A 94 -7.81 0.32 14.56
C GLU A 94 -7.05 -0.98 14.78
N THR A 95 -7.46 -1.76 15.78
CA THR A 95 -6.79 -3.01 16.07
C THR A 95 -6.95 -4.00 14.92
N GLU A 96 -8.14 -4.04 14.31
CA GLU A 96 -8.34 -4.91 13.16
CA GLU A 96 -8.33 -4.92 13.16
C GLU A 96 -7.47 -4.48 12.00
N LEU A 97 -7.39 -3.17 11.75
CA LEU A 97 -6.54 -2.62 10.69
C LEU A 97 -5.08 -3.00 10.93
N GLN A 98 -4.61 -2.81 12.16
CA GLN A 98 -3.24 -3.18 12.48
C GLN A 98 -3.01 -4.67 12.27
N GLY A 99 -4.01 -5.49 12.59
CA GLY A 99 -3.90 -6.92 12.35
C GLY A 99 -3.70 -7.25 10.88
N VAL A 100 -4.45 -6.59 10.00
CA VAL A 100 -4.29 -6.80 8.56
C VAL A 100 -2.90 -6.38 8.12
N CYS A 101 -2.45 -5.20 8.56
CA CYS A 101 -1.11 -4.75 8.19
C CYS A 101 -0.05 -5.72 8.67
N ASP A 102 -0.17 -6.19 9.92
CA ASP A 102 0.79 -7.15 10.45
C ASP A 102 0.78 -8.44 9.63
N THR A 103 -0.41 -8.86 9.19
CA THR A 103 -0.49 -10.07 8.37
C THR A 103 0.25 -9.88 7.05
N VAL A 104 0.02 -8.75 6.37
CA VAL A 104 0.69 -8.51 5.09
C VAL A 104 2.20 -8.43 5.32
N LEU A 105 2.63 -7.67 6.32
CA LEU A 105 4.05 -7.55 6.61
C LEU A 105 4.64 -8.92 6.94
N GLY A 106 3.87 -9.76 7.64
CA GLY A 106 4.35 -11.10 7.94
C GLY A 106 4.55 -11.96 6.71
N LEU A 107 3.65 -11.85 5.73
CA LEU A 107 3.83 -12.59 4.48
C LEU A 107 5.05 -12.09 3.72
N LEU A 108 5.26 -10.77 3.72
CA LEU A 108 6.43 -10.22 3.05
C LEU A 108 7.72 -10.69 3.70
N ASP A 109 7.74 -10.74 5.04
CA ASP A 109 8.93 -11.15 5.77
C ASP A 109 9.13 -12.66 5.80
N SER A 110 8.08 -13.44 5.55
CA SER A 110 8.15 -14.91 5.64
C SER A 110 7.34 -15.51 4.48
N HIS A 111 7.91 -15.57 3.28
CA HIS A 111 9.30 -15.23 2.98
C HIS A 111 9.40 -14.58 1.60
N LEU A 112 8.41 -13.75 1.26
CA LEU A 112 8.32 -13.24 -0.11
C LEU A 112 9.54 -12.40 -0.48
N ILE A 113 9.92 -11.45 0.37
CA ILE A 113 10.99 -10.53 -0.01
C ILE A 113 12.31 -11.27 -0.19
N LYS A 114 12.64 -12.16 0.74
CA LYS A 114 13.96 -12.77 0.69
C LYS A 114 14.16 -13.66 -0.54
N GLU A 115 13.08 -14.16 -1.13
CA GLU A 115 13.18 -14.97 -2.33
C GLU A 115 13.01 -14.16 -3.61
N ALA A 116 12.74 -12.86 -3.51
CA ALA A 116 12.45 -12.02 -4.67
C ALA A 116 13.75 -11.43 -5.17
N GLY A 117 14.22 -11.91 -6.32
CA GLY A 117 15.47 -11.47 -6.90
C GLY A 117 15.32 -10.56 -8.11
N ASP A 118 14.25 -10.73 -8.89
CA ASP A 118 14.07 -9.85 -10.03
C ASP A 118 13.52 -8.51 -9.55
N ALA A 119 13.88 -7.44 -10.27
CA ALA A 119 13.43 -6.11 -9.85
C ALA A 119 11.91 -6.02 -9.79
N GLU A 120 11.21 -6.64 -10.75
CA GLU A 120 9.77 -6.52 -10.80
C GLU A 120 9.10 -7.09 -9.55
N SER A 121 9.65 -8.17 -9.01
CA SER A 121 9.07 -8.72 -7.78
C SER A 121 9.60 -7.99 -6.55
N ARG A 122 10.91 -7.75 -6.49
CA ARG A 122 11.50 -7.20 -5.27
C ARG A 122 11.02 -5.77 -5.02
N VAL A 123 11.02 -4.93 -6.05
CA VAL A 123 10.51 -3.57 -5.90
C VAL A 123 9.05 -3.58 -5.48
N PHE A 124 8.25 -4.46 -6.10
CA PHE A 124 6.84 -4.58 -5.76
C PHE A 124 6.64 -4.91 -4.28
N TYR A 125 7.38 -5.89 -3.77
CA TYR A 125 7.20 -6.30 -2.38
C TYR A 125 7.70 -5.24 -1.41
N LEU A 126 8.83 -4.59 -1.75
CA LEU A 126 9.34 -3.53 -0.87
C LEU A 126 8.41 -2.32 -0.85
N LYS A 127 7.82 -1.99 -2.00
CA LYS A 127 6.77 -0.97 -2.02
C LYS A 127 5.62 -1.35 -1.10
N MET A 128 5.17 -2.60 -1.18
CA MET A 128 4.10 -3.06 -0.31
C MET A 128 4.49 -2.95 1.16
N LYS A 129 5.72 -3.31 1.49
CA LYS A 129 6.18 -3.17 2.86
C LYS A 129 6.12 -1.71 3.30
N GLY A 130 6.55 -0.80 2.44
CA GLY A 130 6.43 0.62 2.77
C GLY A 130 4.99 1.06 2.96
N ASP A 131 4.11 0.59 2.07
CA ASP A 131 2.69 0.95 2.14
C ASP A 131 2.08 0.50 3.47
N TYR A 132 2.33 -0.75 3.87
CA TYR A 132 1.66 -1.26 5.06
C TYR A 132 2.26 -0.70 6.34
N TYR A 133 3.56 -0.38 6.35
CA TYR A 133 4.07 0.41 7.46
C TYR A 133 3.48 1.82 7.45
N ARG A 134 3.23 2.39 6.27
CA ARG A 134 2.59 3.70 6.21
C ARG A 134 1.19 3.65 6.80
N TYR A 135 0.41 2.59 6.52
CA TYR A 135 -0.90 2.48 7.12
C TYR A 135 -0.82 2.33 8.64
N LEU A 136 0.18 1.59 9.13
CA LEU A 136 0.40 1.54 10.56
C LEU A 136 0.75 2.92 11.11
N ALA A 137 1.56 3.70 10.37
CA ALA A 137 1.93 5.03 10.81
C ALA A 137 0.74 5.97 10.88
N GLU A 138 -0.25 5.78 9.99
CA GLU A 138 -1.42 6.66 9.99
C GLU A 138 -2.17 6.62 11.32
N VAL A 139 -2.15 5.47 12.01
CA VAL A 139 -2.89 5.29 13.25
C VAL A 139 -1.99 5.30 14.47
N ALA A 140 -0.68 5.37 14.31
CA ALA A 140 0.23 5.25 15.43
C ALA A 140 0.32 6.55 16.21
N THR A 141 0.46 6.41 17.54
CA THR A 141 0.57 7.56 18.44
C THR A 141 1.55 7.31 19.58
N GLY A 142 2.23 6.17 19.62
CA GLY A 142 2.93 5.71 20.79
C GLY A 142 4.45 5.82 20.70
N ASP A 143 5.12 5.08 21.59
CA ASP A 143 6.58 5.13 21.71
C ASP A 143 7.27 4.75 20.40
N ASP A 144 6.66 3.87 19.61
CA ASP A 144 7.30 3.33 18.42
C ASP A 144 6.87 4.01 17.13
N LYS A 145 6.13 5.12 17.21
CA LYS A 145 5.66 5.78 16.00
C LYS A 145 6.81 6.22 15.09
N LYS A 146 7.87 6.77 15.66
CA LYS A 146 9.01 7.16 14.84
C LYS A 146 9.65 5.94 14.19
N ARG A 147 9.74 4.82 14.91
CA ARG A 147 10.31 3.62 14.30
C ARG A 147 9.39 3.08 13.21
N ILE A 148 8.08 3.19 13.37
CA ILE A 148 7.15 2.74 12.33
C ILE A 148 7.34 3.58 11.07
N ILE A 149 7.40 4.90 11.24
CA ILE A 149 7.64 5.81 10.11
C ILE A 149 8.97 5.48 9.44
N ASP A 150 10.01 5.23 10.24
CA ASP A 150 11.30 4.93 9.63
CA ASP A 150 11.30 4.92 9.66
C ASP A 150 11.30 3.58 8.93
N SER A 151 10.52 2.62 9.42
CA SER A 151 10.39 1.34 8.71
C SER A 151 9.75 1.53 7.34
N ALA A 152 8.71 2.37 7.27
CA ALA A 152 8.11 2.67 5.96
C ALA A 152 9.14 3.33 5.05
N ARG A 153 9.82 4.37 5.57
CA ARG A 153 10.82 5.09 4.79
CA ARG A 153 10.82 5.09 4.77
C ARG A 153 11.89 4.14 4.25
N SER A 154 12.41 3.28 5.13
CA SER A 154 13.50 2.40 4.74
C SER A 154 13.09 1.43 3.63
N ALA A 155 11.88 0.86 3.73
CA ALA A 155 11.40 -0.04 2.69
C ALA A 155 11.21 0.70 1.37
N TYR A 156 10.55 1.86 1.41
CA TYR A 156 10.39 2.67 0.20
C TYR A 156 11.75 3.02 -0.40
N GLN A 157 12.71 3.38 0.46
CA GLN A 157 14.01 3.81 -0.06
C GLN A 157 14.75 2.67 -0.75
N GLU A 158 14.71 1.47 -0.18
CA GLU A 158 15.34 0.33 -0.84
C GLU A 158 14.66 0.04 -2.18
N ALA A 159 13.32 0.11 -2.21
CA ALA A 159 12.60 -0.08 -3.46
C ALA A 159 12.99 0.97 -4.48
N MET A 160 13.11 2.22 -4.02
CA MET A 160 13.48 3.32 -4.93
CA MET A 160 13.48 3.32 -4.92
C MET A 160 14.86 3.08 -5.52
N ASP A 161 15.82 2.68 -4.68
CA ASP A 161 17.18 2.46 -5.15
C ASP A 161 17.23 1.37 -6.22
N ILE A 162 16.54 0.25 -5.99
CA ILE A 162 16.51 -0.81 -6.99
C ILE A 162 15.81 -0.33 -8.25
N SER A 163 14.67 0.35 -8.12
CA SER A 163 13.90 0.73 -9.28
C SER A 163 14.66 1.70 -10.18
N LYS A 164 15.45 2.61 -9.60
CA LYS A 164 16.22 3.53 -10.43
C LYS A 164 17.31 2.82 -11.18
N LYS A 165 17.91 1.80 -10.59
CA LYS A 165 18.97 1.07 -11.27
C LYS A 165 18.44 0.09 -12.30
N GLU A 166 17.29 -0.53 -12.04
CA GLU A 166 16.90 -1.73 -12.78
C GLU A 166 15.65 -1.59 -13.64
N MET A 167 14.92 -0.47 -13.55
CA MET A 167 13.69 -0.31 -14.29
C MET A 167 13.73 0.98 -15.09
N PRO A 168 13.06 1.01 -16.24
CA PRO A 168 12.94 2.27 -16.97
C PRO A 168 12.04 3.24 -16.20
N PRO A 169 12.18 4.55 -16.45
CA PRO A 169 11.40 5.53 -15.70
C PRO A 169 9.90 5.43 -15.92
N THR A 170 9.44 4.73 -16.96
CA THR A 170 8.02 4.55 -17.22
C THR A 170 7.45 3.26 -16.63
N ASN A 171 8.27 2.42 -16.03
CA ASN A 171 7.76 1.16 -15.49
CA ASN A 171 7.76 1.16 -15.49
C ASN A 171 6.65 1.43 -14.49
N PRO A 172 5.45 0.85 -14.66
CA PRO A 172 4.35 1.16 -13.74
C PRO A 172 4.64 0.90 -12.27
N ILE A 173 5.44 -0.13 -11.95
CA ILE A 173 5.79 -0.37 -10.55
C ILE A 173 6.66 0.77 -10.03
N ARG A 174 7.65 1.19 -10.81
CA ARG A 174 8.49 2.32 -10.43
C ARG A 174 7.64 3.57 -10.24
N LEU A 175 6.68 3.79 -11.15
CA LEU A 175 5.83 4.98 -11.04
C LEU A 175 4.95 4.91 -9.81
N GLY A 176 4.31 3.77 -9.56
CA GLY A 176 3.43 3.67 -8.40
C GLY A 176 4.19 3.75 -7.09
N LEU A 177 5.39 3.18 -7.06
CA LEU A 177 6.25 3.33 -5.89
C LEU A 177 6.54 4.80 -5.62
N ALA A 178 6.93 5.55 -6.66
CA ALA A 178 7.23 6.97 -6.48
C ALA A 178 6.00 7.74 -6.05
N LEU A 179 4.86 7.45 -6.66
CA LEU A 179 3.60 8.09 -6.24
C LEU A 179 3.36 7.90 -4.75
N ASN A 180 3.50 6.66 -4.27
CA ASN A 180 3.19 6.37 -2.88
C ASN A 180 4.25 6.91 -1.92
N PHE A 181 5.52 6.82 -2.30
CA PHE A 181 6.58 7.38 -1.44
C PHE A 181 6.43 8.89 -1.33
N SER A 182 6.02 9.54 -2.43
CA SER A 182 5.73 10.96 -2.41
C SER A 182 4.60 11.26 -1.42
N VAL A 183 3.53 10.47 -1.45
CA VAL A 183 2.45 10.63 -0.47
C VAL A 183 2.96 10.40 0.95
N PHE A 184 3.81 9.40 1.14
CA PHE A 184 4.46 9.20 2.45
C PHE A 184 5.13 10.49 2.92
N HIS A 185 5.94 11.11 2.05
CA HIS A 185 6.60 12.35 2.43
C HIS A 185 5.60 13.41 2.82
N TYR A 186 4.52 13.56 2.06
CA TYR A 186 3.57 14.64 2.27
C TYR A 186 2.74 14.42 3.53
N GLU A 187 2.20 13.21 3.68
CA GLU A 187 1.19 12.94 4.71
C GLU A 187 1.75 12.34 5.98
N ILE A 188 2.90 11.69 5.94
CA ILE A 188 3.45 10.97 7.09
C ILE A 188 4.68 11.68 7.64
N ALA A 189 5.62 12.04 6.76
CA ALA A 189 6.91 12.54 7.19
C ALA A 189 6.97 14.06 7.28
N ASN A 190 5.86 14.76 7.09
CA ASN A 190 5.85 16.22 7.21
C ASN A 190 6.85 16.87 6.28
N SER A 191 6.98 16.32 5.07
CA SER A 191 7.98 16.75 4.09
C SER A 191 7.30 17.07 2.77
N PRO A 192 6.45 18.09 2.72
CA PRO A 192 5.74 18.39 1.46
C PRO A 192 6.67 18.78 0.34
N GLU A 193 7.79 19.45 0.61
CA GLU A 193 8.71 19.80 -0.47
C GLU A 193 9.32 18.56 -1.11
N GLU A 194 9.72 17.59 -0.29
CA GLU A 194 10.23 16.33 -0.84
C GLU A 194 9.16 15.60 -1.63
N ALA A 195 7.92 15.61 -1.13
CA ALA A 195 6.81 14.99 -1.84
C ALA A 195 6.64 15.60 -3.23
N ILE A 196 6.65 16.93 -3.30
CA ILE A 196 6.45 17.63 -4.56
C ILE A 196 7.61 17.40 -5.50
N SER A 197 8.84 17.50 -4.98
CA SER A 197 10.02 17.28 -5.82
C SER A 197 10.01 15.87 -6.41
N LEU A 198 9.71 14.87 -5.58
CA LEU A 198 9.70 13.50 -6.07
C LEU A 198 8.63 13.30 -7.15
N ALA A 199 7.42 13.81 -6.92
CA ALA A 199 6.36 13.65 -7.90
C ALA A 199 6.72 14.32 -9.23
N LYS A 200 7.28 15.53 -9.17
CA LYS A 200 7.60 16.26 -10.39
C LYS A 200 8.73 15.58 -11.16
N THR A 201 9.80 15.21 -10.46
CA THR A 201 10.92 14.58 -11.14
C THR A 201 10.51 13.24 -11.73
N THR A 202 9.71 12.46 -10.99
CA THR A 202 9.21 11.19 -11.52
C THR A 202 8.39 11.41 -12.79
N PHE A 203 7.48 12.39 -12.75
CA PHE A 203 6.64 12.67 -13.90
C PHE A 203 7.48 13.06 -15.11
N ASP A 204 8.44 13.95 -14.91
CA ASP A 204 9.22 14.48 -16.03
C ASP A 204 10.10 13.41 -16.63
N GLU A 205 10.70 12.56 -15.80
CA GLU A 205 11.55 11.51 -16.33
C GLU A 205 10.73 10.44 -17.06
N ALA A 206 9.51 10.17 -16.59
CA ALA A 206 8.64 9.27 -17.33
C ALA A 206 8.23 9.86 -18.67
N MET A 207 7.85 11.14 -18.68
CA MET A 207 7.47 11.82 -19.92
C MET A 207 8.53 11.63 -20.99
N ALA A 208 9.80 11.80 -20.62
CA ALA A 208 10.90 11.73 -21.57
C ALA A 208 11.15 10.32 -22.11
N ASP A 209 10.59 9.29 -21.46
CA ASP A 209 10.78 7.90 -21.87
C ASP A 209 9.56 7.32 -22.58
N LEU A 210 8.45 8.06 -22.65
CA LEU A 210 7.24 7.52 -23.27
C LEU A 210 7.47 7.15 -24.73
N HIS A 211 8.39 7.83 -25.41
CA HIS A 211 8.59 7.61 -26.83
C HIS A 211 9.08 6.19 -27.13
N THR A 212 9.59 5.48 -26.13
CA THR A 212 10.11 4.14 -26.34
C THR A 212 9.02 3.07 -26.27
N LEU A 213 7.80 3.43 -25.90
CA LEU A 213 6.79 2.47 -25.51
C LEU A 213 5.80 2.17 -26.63
N SER A 214 5.25 0.96 -26.57
CA SER A 214 4.10 0.60 -27.37
C SER A 214 2.87 1.35 -26.89
N GLU A 215 1.80 1.28 -27.68
CA GLU A 215 0.55 1.94 -27.32
C GLU A 215 0.00 1.42 -25.99
N ASP A 216 0.08 0.10 -25.76
CA ASP A 216 -0.45 -0.45 -24.52
C ASP A 216 0.40 -0.06 -23.32
N SER A 217 1.72 -0.11 -23.45
CA SER A 217 2.59 0.31 -22.36
C SER A 217 2.40 1.80 -22.07
N TYR A 218 2.26 2.61 -23.12
CA TYR A 218 2.00 4.03 -22.97
C TYR A 218 0.75 4.26 -22.14
N LYS A 219 -0.32 3.52 -22.42
CA LYS A 219 -1.54 3.65 -21.63
C LYS A 219 -1.29 3.36 -20.15
N ASP A 220 -0.55 2.28 -19.87
CA ASP A 220 -0.29 1.91 -18.49
C ASP A 220 0.51 2.99 -17.78
N SER A 221 1.55 3.50 -18.42
CA SER A 221 2.41 4.48 -17.77
C SER A 221 1.70 5.81 -17.58
N THR A 222 0.99 6.28 -18.61
CA THR A 222 0.35 7.59 -18.51
C THR A 222 -0.77 7.60 -17.48
N LEU A 223 -1.40 6.46 -17.23
CA LEU A 223 -2.41 6.39 -16.17
C LEU A 223 -1.81 6.80 -14.83
N ILE A 224 -0.65 6.23 -14.49
CA ILE A 224 -0.04 6.56 -13.20
C ILE A 224 0.58 7.95 -13.23
N MET A 225 1.12 8.37 -14.38
CA MET A 225 1.61 9.73 -14.48
C MET A 225 0.51 10.74 -14.18
N GLN A 226 -0.72 10.46 -14.61
CA GLN A 226 -1.82 11.38 -14.31
C GLN A 226 -2.10 11.47 -12.83
N LEU A 227 -1.92 10.37 -12.09
CA LEU A 227 -2.05 10.43 -10.63
C LEU A 227 -0.98 11.31 -10.01
N LEU A 228 0.25 11.23 -10.50
CA LEU A 228 1.30 12.13 -10.02
C LEU A 228 0.90 13.57 -10.26
N ARG A 229 0.39 13.86 -11.46
CA ARG A 229 -0.06 15.21 -11.80
C ARG A 229 -1.22 15.64 -10.90
N ASP A 230 -2.15 14.71 -10.62
CA ASP A 230 -3.28 15.03 -9.74
C ASP A 230 -2.78 15.46 -8.37
N ASN A 231 -1.82 14.72 -7.81
CA ASN A 231 -1.29 15.09 -6.50
C ASN A 231 -0.56 16.42 -6.56
N LEU A 232 0.24 16.65 -7.60
CA LEU A 232 0.91 17.93 -7.74
C LEU A 232 -0.09 19.08 -7.79
N THR A 233 -1.21 18.89 -8.48
CA THR A 233 -2.23 19.93 -8.52
C THR A 233 -2.86 20.15 -7.15
N LEU A 234 -3.08 19.07 -6.41
CA LEU A 234 -3.60 19.18 -5.06
C LEU A 234 -2.65 19.95 -4.14
N TRP A 235 -1.34 19.82 -4.36
CA TRP A 235 -0.33 20.30 -3.43
C TRP A 235 0.26 21.65 -3.82
N THR A 236 -0.08 22.18 -4.98
CA THR A 236 0.51 23.43 -5.45
C THR A 236 -0.57 24.40 -5.91
N PHE B 4 -8.08 13.07 0.15
CA PHE B 4 -6.81 12.35 0.23
C PHE B 4 -6.10 12.31 -1.13
N PRO B 5 -4.77 12.30 -1.09
CA PRO B 5 -4.01 12.20 -2.35
C PRO B 5 -4.07 10.79 -2.90
N ALA B 6 -3.73 10.67 -4.18
CA ALA B 6 -3.78 9.40 -4.88
C ALA B 6 -2.60 8.49 -4.54
N TPO B 7 -2.90 7.22 -4.28
CA TPO B 7 -1.90 6.16 -4.13
CB TPO B 7 -1.66 5.81 -2.65
CG2 TPO B 7 -0.99 6.95 -1.89
OG1 TPO B 7 -2.96 5.50 -2.10
P TPO B 7 -3.03 4.80 -0.64
O1P TPO B 7 -4.47 4.15 -0.59
O2P TPO B 7 -2.85 5.81 0.42
O3P TPO B 7 -1.90 3.68 -0.53
C TPO B 7 -2.40 4.95 -4.89
O TPO B 7 -3.60 4.82 -5.17
N VAL B 8 -1.48 4.05 -5.26
CA VAL B 8 -1.84 2.82 -5.97
C VAL B 8 -1.25 1.59 -5.32
MG MG C . 2.78 -30.53 -4.63
MG MG D . -4.67 1.45 19.57
C12 GE8 E . -0.43 -0.68 -10.82
C13 GE8 E . 0.77 -1.19 -11.29
C14 GE8 E . 1.86 -1.34 -10.43
C15 GE8 E . 1.73 -0.99 -9.09
C17 GE8 E . 0.53 -0.48 -8.61
C18 GE8 E . -0.54 -0.34 -9.48
C10 GE8 E . -2.45 1.65 -11.35
C02 GE8 E . -2.38 -3.41 -7.52
C03 GE8 E . -2.91 -2.08 -7.99
C04 GE8 E . -4.01 -2.31 -9.01
C06 GE8 E . -3.49 -0.36 -10.32
C08 GE8 E . -2.72 0.16 -11.50
C09 GE8 E . -3.59 -0.08 -12.72
N05 GE8 E . -3.61 -1.68 -10.25
O07 GE8 E . -3.97 0.41 -9.50
O11 GE8 E . -1.49 -0.56 -11.70
S01 GE8 E . -2.92 -3.46 -5.81
CL GE8 E . 3.10 -1.18 -7.96
#